data_2UWC
#
_entry.id   2UWC
#
_cell.length_a   152.123
_cell.length_b   152.123
_cell.length_c   83.233
_cell.angle_alpha   90.00
_cell.angle_beta   90.00
_cell.angle_gamma   120.00
#
_symmetry.space_group_name_H-M   'P 6'
#
loop_
_entity.id
_entity.type
_entity.pdbx_description
1 polymer CELLULASE
2 water water
#
_entity_poly.entity_id   1
_entity_poly.type   'polypeptide(L)'
_entity_poly.pdbx_seq_one_letter_code
;QGPPSPGYYPSSQITSLGFDQGYTNLWGPQHQRVDQGSLTIWLDSTSGSGFKSINRYRSGYFGANIKLQSGYTAGVITSF
YLSNNQDYPGKHDEIDIEFLGTIPGKPYTLQTNVFIEGSGDYNIIGRELRIHLWFDPTQDYHNYAIYWTPSEIIFFVDDV
PIRRYPRKSDATFPLRPMWVYGSVWDASSWATENGKYKADYRYQPFVGKYEDFKLGSCTVEAASSCNPASVSPYGQLSQQ
QVAAMEWVQKNYMVYNYCDDPTRDHTLTPEC
;
_entity_poly.pdbx_strand_id   A,B
#
# COMPACT_ATOMS: atom_id res chain seq x y z
N PRO A 3 30.48 -15.68 14.22
CA PRO A 3 29.70 -15.00 13.11
C PRO A 3 30.02 -13.46 13.03
N PRO A 4 30.92 -12.99 12.13
CA PRO A 4 31.44 -11.60 12.33
C PRO A 4 30.43 -10.52 11.98
N SER A 5 30.48 -9.38 12.67
CA SER A 5 29.64 -8.25 12.28
C SER A 5 29.72 -7.98 10.78
N PRO A 6 28.56 -7.77 10.14
CA PRO A 6 28.53 -7.26 8.76
C PRO A 6 28.75 -5.75 8.68
N GLY A 7 28.74 -5.08 9.85
CA GLY A 7 29.07 -3.67 9.96
C GLY A 7 27.98 -2.73 9.55
N TYR A 8 26.85 -3.25 9.13
CA TYR A 8 25.72 -2.43 8.79
C TYR A 8 24.51 -3.31 9.12
N TYR A 9 23.52 -2.68 9.76
CA TYR A 9 22.39 -3.38 10.34
C TYR A 9 21.11 -2.79 9.77
N PRO A 10 20.72 -3.21 8.55
CA PRO A 10 19.50 -2.67 7.86
C PRO A 10 18.20 -2.59 8.71
N SER A 11 17.98 -3.61 9.54
CA SER A 11 16.73 -3.72 10.28
C SER A 11 16.65 -2.65 11.34
N SER A 12 17.80 -2.11 11.73
CA SER A 12 17.82 -1.16 12.81
C SER A 12 17.43 0.20 12.28
N GLN A 13 17.28 0.32 10.98
CA GLN A 13 16.93 1.61 10.41
C GLN A 13 15.45 1.70 9.97
N ILE A 14 14.68 0.62 10.14
CA ILE A 14 13.30 0.60 9.71
C ILE A 14 12.43 0.41 10.94
N THR A 15 11.45 1.28 11.13
CA THR A 15 10.54 1.17 12.27
C THR A 15 9.62 -0.06 12.07
N SER A 16 9.44 -0.80 13.14
CA SER A 16 8.54 -1.95 13.11
C SER A 16 7.07 -1.55 12.96
N LEU A 17 6.29 -2.43 12.34
CA LEU A 17 4.89 -2.23 12.30
C LEU A 17 4.19 -3.44 12.94
N GLY A 18 2.94 -3.19 13.36
CA GLY A 18 2.06 -4.27 13.85
C GLY A 18 1.47 -4.97 12.64
N PHE A 19 1.22 -6.27 12.79
CA PHE A 19 0.60 -7.12 11.76
C PHE A 19 -0.44 -6.45 10.87
N ASP A 20 -1.48 -5.88 11.48
CA ASP A 20 -2.69 -5.35 10.82
C ASP A 20 -2.43 -4.10 9.99
N GLN A 21 -1.38 -3.36 10.27
CA GLN A 21 -0.93 -2.27 9.39
C GLN A 21 -0.35 -2.74 8.01
N GLY A 22 0.03 -3.99 7.84
CA GLY A 22 0.59 -4.43 6.58
C GLY A 22 0.03 -5.69 5.99
N TYR A 23 -0.73 -6.45 6.78
CA TYR A 23 -1.09 -7.81 6.50
C TYR A 23 -2.47 -8.13 6.94
N THR A 24 -2.97 -9.22 6.36
CA THR A 24 -4.28 -9.77 6.66
C THR A 24 -4.24 -11.30 6.60
N ASN A 25 -5.08 -11.98 7.40
CA ASN A 25 -5.18 -13.42 7.32
C ASN A 25 -5.60 -13.82 5.90
N LEU A 26 -4.95 -14.85 5.39
CA LEU A 26 -5.32 -15.39 4.10
C LEU A 26 -6.06 -16.70 4.21
N TRP A 27 -5.56 -17.65 5.00
CA TRP A 27 -6.33 -18.83 5.27
C TRP A 27 -6.05 -19.32 6.67
N GLY A 28 -6.89 -20.22 7.16
CA GLY A 28 -6.87 -20.68 8.55
C GLY A 28 -7.06 -19.59 9.58
N PRO A 29 -8.12 -18.78 9.45
CA PRO A 29 -8.30 -17.63 10.35
C PRO A 29 -8.49 -18.06 11.83
N GLN A 30 -9.05 -19.26 12.02
CA GLN A 30 -9.21 -19.87 13.30
C GLN A 30 -7.92 -20.34 14.00
N HIS A 31 -6.86 -20.44 13.23
CA HIS A 31 -5.55 -20.84 13.67
C HIS A 31 -4.60 -19.64 13.59
N GLN A 32 -5.11 -18.46 13.81
CA GLN A 32 -4.33 -17.22 13.82
C GLN A 32 -4.78 -16.37 15.02
N ARG A 33 -3.84 -15.72 15.71
CA ARG A 33 -4.20 -14.68 16.66
C ARG A 33 -3.20 -13.52 16.60
N VAL A 34 -3.73 -12.33 16.89
CA VAL A 34 -2.93 -11.12 16.88
C VAL A 34 -3.00 -10.50 18.26
N ASP A 35 -1.85 -10.26 18.89
CA ASP A 35 -1.80 -9.62 20.24
C ASP A 35 -0.88 -8.41 20.17
N GLN A 36 -1.49 -7.22 20.15
CA GLN A 36 -0.80 -5.96 20.10
C GLN A 36 0.18 -5.93 18.98
N GLY A 37 -0.25 -6.44 17.83
CA GLY A 37 0.52 -6.40 16.59
C GLY A 37 1.41 -7.60 16.34
N SER A 38 1.49 -8.49 17.31
CA SER A 38 2.28 -9.70 17.20
C SER A 38 1.38 -10.88 16.80
N LEU A 39 1.88 -11.69 15.88
CA LEU A 39 1.13 -12.75 15.27
C LEU A 39 1.53 -14.10 15.77
N THR A 40 0.52 -14.90 16.04
CA THR A 40 0.75 -16.31 16.29
C THR A 40 -0.07 -17.05 15.27
N ILE A 41 0.60 -17.96 14.54
CA ILE A 41 -0.13 -18.89 13.66
C ILE A 41 0.20 -20.32 13.98
N TRP A 42 -0.71 -21.25 13.73
CA TRP A 42 -0.38 -22.67 13.97
C TRP A 42 -1.04 -23.69 13.01
N LEU A 43 -0.45 -24.88 13.01
CA LEU A 43 -0.88 -26.01 12.20
C LEU A 43 -1.20 -27.20 13.13
N ASP A 44 -2.37 -27.82 12.89
CA ASP A 44 -2.73 -29.10 13.48
C ASP A 44 -3.38 -29.94 12.37
N SER A 45 -3.98 -31.10 12.69
CA SER A 45 -4.47 -32.02 11.62
C SER A 45 -5.62 -31.48 10.81
N THR A 46 -6.21 -30.40 11.29
CA THR A 46 -7.41 -29.83 10.73
C THR A 46 -6.99 -28.75 9.69
N SER A 47 -5.96 -28.00 9.98
CA SER A 47 -5.64 -26.94 9.11
C SER A 47 -4.37 -26.30 9.54
N GLY A 48 -3.65 -25.76 8.59
CA GLY A 48 -2.63 -24.73 8.85
C GLY A 48 -3.22 -23.35 8.76
N SER A 49 -2.31 -22.37 8.60
CA SER A 49 -2.66 -20.98 8.55
C SER A 49 -1.62 -20.15 7.75
N GLY A 50 -2.08 -19.02 7.25
CA GLY A 50 -1.24 -18.18 6.49
C GLY A 50 -1.83 -16.81 6.31
N PHE A 51 -0.92 -15.85 6.12
CA PHE A 51 -1.24 -14.45 5.97
C PHE A 51 -0.59 -13.92 4.67
N LYS A 52 -1.15 -12.81 4.21
CA LYS A 52 -0.73 -12.10 3.00
C LYS A 52 -0.64 -10.56 3.24
N SER A 53 0.29 -9.90 2.57
CA SER A 53 0.29 -8.43 2.54
C SER A 53 -0.95 -7.81 1.92
N ILE A 54 -1.36 -6.64 2.41
CA ILE A 54 -2.43 -5.92 1.76
C ILE A 54 -1.98 -5.34 0.43
N ASN A 55 -0.67 -5.23 0.20
CA ASN A 55 -0.14 -4.68 -1.07
C ASN A 55 0.64 -5.64 -1.89
N ARG A 56 0.59 -5.44 -3.22
CA ARG A 56 1.62 -5.93 -4.18
C ARG A 56 2.72 -4.94 -4.28
N TYR A 57 3.93 -5.46 -4.44
CA TYR A 57 5.15 -4.70 -4.45
C TYR A 57 5.96 -4.90 -5.72
N ARG A 58 6.67 -3.85 -6.11
CA ARG A 58 7.56 -3.88 -7.28
C ARG A 58 9.04 -4.11 -6.85
N SER A 59 9.28 -4.02 -5.54
CA SER A 59 10.59 -3.83 -5.01
C SER A 59 10.51 -3.72 -3.49
N GLY A 60 11.54 -4.14 -2.76
CA GLY A 60 11.65 -3.66 -1.39
C GLY A 60 12.47 -4.52 -0.45
N TYR A 61 12.41 -4.16 0.82
CA TYR A 61 12.93 -4.93 1.94
C TYR A 61 11.74 -5.34 2.83
N PHE A 62 11.68 -6.63 3.12
CA PHE A 62 10.57 -7.23 3.80
C PHE A 62 11.16 -8.12 4.91
N GLY A 63 10.93 -7.72 6.11
CA GLY A 63 11.37 -8.52 7.27
C GLY A 63 10.35 -8.74 8.39
N ALA A 64 10.76 -9.63 9.26
CA ALA A 64 9.98 -10.02 10.44
C ALA A 64 10.92 -10.64 11.43
N ASN A 65 10.58 -10.42 12.70
CA ASN A 65 11.08 -11.27 13.77
C ASN A 65 10.24 -12.52 13.87
N ILE A 66 10.91 -13.65 13.95
CA ILE A 66 10.23 -14.92 13.89
C ILE A 66 10.85 -15.83 14.95
N LYS A 67 9.97 -16.51 15.68
CA LYS A 67 10.32 -17.52 16.64
C LYS A 67 9.64 -18.81 16.27
N LEU A 68 10.42 -19.90 16.30
CA LEU A 68 9.98 -21.26 15.84
C LEU A 68 9.61 -22.20 16.94
N GLN A 69 8.72 -23.12 16.57
CA GLN A 69 8.22 -24.15 17.47
C GLN A 69 9.33 -25.08 17.99
N SER A 70 9.27 -25.41 19.29
CA SER A 70 10.25 -26.30 19.93
C SER A 70 9.83 -27.78 19.75
N GLY A 71 10.82 -28.66 19.81
CA GLY A 71 10.59 -30.10 19.77
C GLY A 71 10.39 -30.71 18.40
N TYR A 72 9.54 -31.73 18.37
CA TYR A 72 9.32 -32.54 17.19
C TYR A 72 8.50 -31.69 16.21
N THR A 73 9.16 -31.32 15.10
CA THR A 73 8.60 -30.55 14.01
C THR A 73 8.92 -31.16 12.64
N ALA A 74 9.31 -32.42 12.60
CA ALA A 74 9.58 -33.06 11.31
C ALA A 74 8.38 -32.88 10.38
N GLY A 75 8.66 -32.54 9.13
CA GLY A 75 7.65 -32.42 8.13
C GLY A 75 6.91 -31.11 8.12
N VAL A 76 7.23 -30.19 9.03
CA VAL A 76 6.53 -28.96 9.06
C VAL A 76 7.39 -27.80 8.64
N ILE A 77 6.75 -26.94 7.84
CA ILE A 77 7.43 -25.77 7.30
C ILE A 77 6.81 -24.52 7.83
N THR A 78 7.66 -23.62 8.33
CA THR A 78 7.27 -22.25 8.69
C THR A 78 7.94 -21.36 7.65
N SER A 79 7.18 -20.43 7.09
CA SER A 79 7.63 -19.71 5.91
C SER A 79 7.39 -18.20 6.00
N PHE A 80 8.22 -17.49 5.26
CA PHE A 80 8.08 -16.07 5.05
C PHE A 80 8.64 -15.86 3.64
N TYR A 81 7.81 -15.30 2.76
CA TYR A 81 8.06 -15.35 1.31
C TYR A 81 7.25 -14.33 0.50
N LEU A 82 7.73 -14.12 -0.73
CA LEU A 82 7.11 -13.28 -1.75
C LEU A 82 6.68 -14.20 -2.87
N SER A 83 5.53 -13.94 -3.48
CA SER A 83 4.93 -14.83 -4.48
C SER A 83 3.87 -14.04 -5.27
N ASN A 84 3.65 -14.45 -6.52
CA ASN A 84 2.48 -14.05 -7.28
C ASN A 84 1.70 -15.26 -7.85
N ASN A 85 1.75 -16.39 -7.15
CA ASN A 85 1.00 -17.56 -7.56
C ASN A 85 -0.48 -17.25 -7.70
N GLN A 86 -1.05 -16.39 -6.85
CA GLN A 86 -2.46 -16.05 -6.97
C GLN A 86 -2.76 -15.21 -8.18
N ASP A 87 -1.75 -14.58 -8.80
CA ASP A 87 -1.95 -13.80 -9.99
C ASP A 87 -1.72 -14.64 -11.24
N TYR A 88 -0.84 -15.63 -11.13
CA TYR A 88 -0.33 -16.42 -12.29
C TYR A 88 -0.23 -17.84 -11.84
N PRO A 89 -1.37 -18.46 -11.54
CA PRO A 89 -1.31 -19.78 -10.88
C PRO A 89 -0.60 -20.88 -11.69
N GLY A 90 0.36 -21.52 -11.03
CA GLY A 90 1.23 -22.48 -11.69
C GLY A 90 2.29 -21.90 -12.59
N LYS A 91 2.31 -20.58 -12.81
CA LYS A 91 3.27 -19.99 -13.73
C LYS A 91 3.89 -18.78 -13.09
N HIS A 92 4.28 -18.92 -11.83
CA HIS A 92 4.51 -17.82 -10.96
C HIS A 92 5.96 -17.66 -10.56
N ASP A 93 6.22 -16.51 -9.97
CA ASP A 93 7.48 -16.24 -9.33
C ASP A 93 7.29 -16.24 -7.80
N GLU A 94 8.35 -16.65 -7.13
CA GLU A 94 8.42 -16.79 -5.70
C GLU A 94 9.89 -16.68 -5.21
N ILE A 95 10.07 -16.08 -4.05
CA ILE A 95 11.34 -15.92 -3.36
C ILE A 95 11.02 -16.30 -1.90
N ASP A 96 11.62 -17.37 -1.43
CA ASP A 96 11.26 -18.00 -0.17
C ASP A 96 12.35 -17.97 0.89
N ILE A 97 11.90 -17.77 2.15
CA ILE A 97 12.54 -18.30 3.39
C ILE A 97 11.62 -19.38 4.04
N GLU A 98 12.16 -20.58 4.20
CA GLU A 98 11.46 -21.74 4.73
C GLU A 98 12.30 -22.36 5.82
N PHE A 99 11.72 -22.50 6.98
CA PHE A 99 12.34 -23.27 8.06
C PHE A 99 11.78 -24.68 8.02
N LEU A 100 12.66 -25.65 7.81
CA LEU A 100 12.33 -27.04 7.68
C LEU A 100 12.38 -27.74 9.06
N GLY A 101 11.28 -28.31 9.45
CA GLY A 101 11.17 -28.80 10.77
C GLY A 101 11.97 -30.04 10.95
N THR A 102 12.30 -30.30 12.20
CA THR A 102 13.15 -31.38 12.49
C THR A 102 12.76 -32.16 13.76
N ILE A 103 13.46 -33.25 13.96
CA ILE A 103 13.22 -34.11 15.09
C ILE A 103 14.13 -33.62 16.23
N PRO A 104 13.73 -33.86 17.53
CA PRO A 104 14.62 -33.23 18.52
C PRO A 104 15.99 -33.92 18.48
N GLY A 105 17.03 -33.11 18.70
CA GLY A 105 18.42 -33.58 18.61
C GLY A 105 19.12 -33.06 17.38
N LYS A 106 18.36 -32.67 16.36
CA LYS A 106 19.00 -32.14 15.19
C LYS A 106 18.47 -30.72 14.89
N PRO A 107 19.27 -29.93 14.13
CA PRO A 107 19.03 -28.48 13.93
C PRO A 107 17.94 -28.23 12.92
N TYR A 108 17.30 -27.07 13.01
CA TYR A 108 16.54 -26.53 11.90
C TYR A 108 17.52 -26.16 10.78
N THR A 109 16.95 -26.31 9.58
CA THR A 109 17.56 -25.88 8.32
C THR A 109 16.76 -24.71 7.86
N LEU A 110 17.44 -23.62 7.50
CA LEU A 110 16.81 -22.52 6.79
C LEU A 110 17.07 -22.79 5.33
N GLN A 111 15.99 -22.87 4.57
CA GLN A 111 16.06 -22.95 3.13
C GLN A 111 15.66 -21.65 2.45
N THR A 112 16.55 -21.16 1.59
CA THR A 112 16.26 -20.07 0.63
C THR A 112 15.99 -20.69 -0.74
N ASN A 113 15.09 -20.05 -1.49
CA ASN A 113 14.74 -20.53 -2.81
C ASN A 113 14.18 -19.37 -3.65
N VAL A 114 14.27 -19.57 -4.98
CA VAL A 114 13.78 -18.66 -6.01
C VAL A 114 13.10 -19.48 -7.12
N PHE A 115 11.89 -19.06 -7.48
CA PHE A 115 11.16 -19.57 -8.64
C PHE A 115 10.84 -18.48 -9.61
N ILE A 116 10.94 -18.78 -10.90
CA ILE A 116 10.68 -17.79 -11.92
C ILE A 116 9.81 -18.40 -12.98
N GLU A 117 8.60 -17.86 -13.18
CA GLU A 117 7.61 -18.38 -14.16
C GLU A 117 7.34 -19.90 -14.00
N GLY A 118 7.09 -20.35 -12.78
CA GLY A 118 6.69 -21.70 -12.54
C GLY A 118 7.76 -22.61 -11.95
N SER A 119 7.33 -23.36 -10.94
CA SER A 119 7.98 -24.60 -10.50
C SER A 119 7.84 -25.56 -11.70
N GLY A 120 8.59 -26.66 -11.72
CA GLY A 120 8.51 -27.53 -12.89
C GLY A 120 7.28 -28.44 -12.86
N ASP A 121 6.78 -28.80 -14.04
CA ASP A 121 5.67 -29.76 -14.11
C ASP A 121 6.14 -31.18 -14.39
N TYR A 122 7.26 -31.27 -15.14
CA TYR A 122 7.94 -32.55 -15.41
C TYR A 122 9.25 -32.75 -14.64
N ASN A 123 9.77 -31.67 -14.07
CA ASN A 123 11.06 -31.68 -13.42
C ASN A 123 10.93 -30.88 -12.15
N ILE A 124 11.59 -31.29 -11.06
CA ILE A 124 11.69 -30.42 -9.89
C ILE A 124 12.77 -29.33 -10.20
N ILE A 125 12.36 -28.06 -10.32
CA ILE A 125 13.29 -26.97 -10.69
C ILE A 125 13.55 -25.97 -9.53
N GLY A 126 14.37 -26.36 -8.59
CA GLY A 126 14.65 -25.48 -7.47
C GLY A 126 15.97 -24.74 -7.56
N ARG A 127 16.04 -23.62 -6.86
CA ARG A 127 17.24 -22.87 -6.74
C ARG A 127 17.53 -22.72 -5.24
N GLU A 128 17.66 -23.86 -4.58
CA GLU A 128 17.77 -23.94 -3.14
C GLU A 128 19.18 -23.75 -2.62
N LEU A 129 19.26 -23.01 -1.54
CA LEU A 129 20.49 -22.93 -0.80
C LEU A 129 20.07 -22.97 0.65
N ARG A 130 20.58 -23.98 1.35
CA ARG A 130 20.13 -24.29 2.67
C ARG A 130 21.28 -24.07 3.58
N ILE A 131 20.96 -23.49 4.75
CA ILE A 131 21.94 -23.39 5.82
C ILE A 131 21.44 -24.01 7.16
N HIS A 132 22.36 -24.50 7.96
CA HIS A 132 22.17 -24.55 9.41
C HIS A 132 22.35 -23.13 10.01
N LEU A 133 21.81 -22.91 11.21
CA LEU A 133 21.91 -21.61 11.90
C LEU A 133 22.90 -21.68 13.01
N TRP A 134 23.47 -20.54 13.37
CA TRP A 134 24.47 -20.46 14.45
C TRP A 134 23.81 -20.09 15.81
N PHE A 135 22.47 -20.20 15.85
CA PHE A 135 21.69 -19.99 17.06
C PHE A 135 20.52 -20.96 16.97
N ASP A 136 19.83 -21.10 18.11
CA ASP A 136 18.60 -21.91 18.25
C ASP A 136 17.41 -21.03 17.93
N PRO A 137 16.77 -21.26 16.77
CA PRO A 137 15.67 -20.37 16.36
C PRO A 137 14.36 -20.53 17.15
N THR A 138 14.31 -21.51 18.04
CA THR A 138 13.15 -21.78 18.85
C THR A 138 13.21 -21.06 20.16
N GLN A 139 14.38 -20.55 20.53
CA GLN A 139 14.58 -20.03 21.87
C GLN A 139 14.29 -18.55 21.97
N ASP A 140 14.35 -17.84 20.84
CA ASP A 140 13.97 -16.46 20.84
C ASP A 140 13.57 -16.08 19.42
N TYR A 141 13.04 -14.87 19.30
CA TYR A 141 12.87 -14.16 18.04
C TYR A 141 14.20 -13.69 17.42
N HIS A 142 14.34 -13.97 16.13
CA HIS A 142 15.50 -13.57 15.35
C HIS A 142 14.93 -12.92 14.09
N ASN A 143 15.71 -12.03 13.48
CA ASN A 143 15.29 -11.28 12.34
C ASN A 143 15.62 -12.01 11.02
N TYR A 144 14.62 -12.05 10.15
CA TYR A 144 14.74 -12.67 8.85
C TYR A 144 14.22 -11.68 7.83
N ALA A 145 14.95 -11.48 6.75
CA ALA A 145 14.51 -10.55 5.73
C ALA A 145 14.84 -10.98 4.33
N ILE A 146 13.99 -10.52 3.44
CA ILE A 146 14.21 -10.63 1.99
C ILE A 146 14.23 -9.24 1.34
N TYR A 147 15.29 -8.99 0.59
CA TYR A 147 15.52 -7.77 -0.12
C TYR A 147 15.43 -8.12 -1.59
N TRP A 148 14.59 -7.43 -2.33
CA TRP A 148 14.37 -7.73 -3.72
C TRP A 148 14.25 -6.44 -4.52
N THR A 149 15.10 -6.33 -5.56
CA THR A 149 15.18 -5.25 -6.48
C THR A 149 15.32 -5.82 -7.86
N PRO A 150 15.22 -4.94 -8.89
CA PRO A 150 15.51 -5.41 -10.26
C PRO A 150 16.93 -5.83 -10.53
N SER A 151 17.87 -5.65 -9.62
CA SER A 151 19.21 -6.20 -9.84
C SER A 151 19.56 -7.39 -8.96
N GLU A 152 18.85 -7.62 -7.86
CA GLU A 152 19.33 -8.62 -6.91
C GLU A 152 18.30 -9.00 -5.85
N ILE A 153 18.50 -10.20 -5.34
CA ILE A 153 17.81 -10.66 -4.10
C ILE A 153 18.88 -10.93 -3.08
N ILE A 154 18.69 -10.39 -1.90
CA ILE A 154 19.53 -10.72 -0.77
C ILE A 154 18.66 -11.23 0.40
N PHE A 155 19.13 -12.33 0.99
CA PHE A 155 18.52 -12.91 2.17
C PHE A 155 19.40 -12.59 3.39
N PHE A 156 18.77 -12.09 4.45
CA PHE A 156 19.43 -11.70 5.68
C PHE A 156 18.88 -12.49 6.87
N VAL A 157 19.80 -12.93 7.76
CA VAL A 157 19.45 -13.48 9.04
C VAL A 157 20.19 -12.68 10.13
N ASP A 158 19.43 -12.02 11.02
CA ASP A 158 19.96 -11.11 12.05
C ASP A 158 20.90 -10.06 11.40
N ASP A 159 20.50 -9.56 10.23
CA ASP A 159 21.20 -8.52 9.50
C ASP A 159 22.47 -9.01 8.81
N VAL A 160 22.78 -10.30 8.92
CA VAL A 160 23.82 -10.95 8.18
C VAL A 160 23.25 -11.49 6.82
N PRO A 161 23.83 -11.01 5.70
CA PRO A 161 23.45 -11.59 4.42
C PRO A 161 23.96 -13.04 4.35
N ILE A 162 23.12 -13.94 3.88
CA ILE A 162 23.42 -15.37 3.81
C ILE A 162 23.42 -15.86 2.34
N ARG A 163 22.89 -15.03 1.48
CA ARG A 163 22.79 -15.33 0.10
C ARG A 163 22.43 -14.09 -0.67
N ARG A 164 23.07 -13.98 -1.81
CA ARG A 164 22.72 -12.97 -2.81
C ARG A 164 22.43 -13.68 -4.14
N TYR A 165 21.27 -13.46 -4.72
CA TYR A 165 20.95 -14.02 -6.02
C TYR A 165 20.92 -12.85 -7.00
N PRO A 166 21.98 -12.64 -7.77
CA PRO A 166 22.00 -11.50 -8.69
C PRO A 166 21.23 -11.77 -9.97
N ARG A 167 20.85 -10.70 -10.66
CA ARG A 167 20.23 -10.82 -11.93
C ARG A 167 21.17 -11.03 -13.10
N LYS A 168 21.04 -12.21 -13.70
CA LYS A 168 21.83 -12.65 -14.82
C LYS A 168 21.07 -12.78 -16.11
N SER A 169 19.76 -12.91 -16.10
CA SER A 169 18.95 -12.90 -17.30
C SER A 169 17.55 -12.65 -16.86
N ASP A 170 16.74 -12.15 -17.78
CA ASP A 170 15.36 -11.99 -17.48
C ASP A 170 14.64 -13.31 -17.21
N ALA A 171 15.05 -14.36 -17.91
CA ALA A 171 14.45 -15.67 -17.74
C ALA A 171 14.71 -16.29 -16.37
N THR A 172 15.69 -15.80 -15.62
CA THR A 172 16.13 -16.43 -14.38
C THR A 172 15.99 -15.52 -13.18
N PHE A 173 15.25 -14.43 -13.37
CA PHE A 173 15.12 -13.42 -12.35
C PHE A 173 13.67 -12.94 -12.30
N PRO A 174 13.13 -12.82 -11.09
CA PRO A 174 11.81 -12.27 -10.80
C PRO A 174 11.58 -10.77 -11.05
N LEU A 175 10.72 -10.48 -12.02
CA LEU A 175 10.59 -9.14 -12.58
C LEU A 175 9.18 -8.61 -12.59
N ARG A 176 8.29 -9.34 -11.92
CA ARG A 176 6.90 -9.04 -11.91
C ARG A 176 6.56 -8.78 -10.45
N PRO A 177 5.50 -8.01 -10.22
CA PRO A 177 5.15 -7.73 -8.81
C PRO A 177 4.83 -8.93 -7.94
N MET A 178 5.02 -8.74 -6.64
CA MET A 178 4.76 -9.82 -5.73
C MET A 178 4.12 -9.39 -4.43
N TRP A 179 3.35 -10.32 -3.84
CA TRP A 179 2.85 -10.09 -2.53
C TRP A 179 3.74 -10.81 -1.56
N VAL A 180 3.61 -10.41 -0.32
CA VAL A 180 4.30 -11.07 0.77
C VAL A 180 3.35 -12.03 1.49
N TYR A 181 3.89 -13.18 1.88
CA TYR A 181 3.16 -14.20 2.62
C TYR A 181 3.97 -14.83 3.79
N GLY A 182 3.26 -15.45 4.72
CA GLY A 182 3.83 -16.36 5.69
C GLY A 182 2.87 -17.45 6.08
N SER A 183 3.38 -18.59 6.50
CA SER A 183 2.54 -19.74 6.70
C SER A 183 3.26 -20.77 7.49
N VAL A 184 2.47 -21.66 8.04
CA VAL A 184 2.93 -22.90 8.68
C VAL A 184 2.15 -24.00 8.00
N TRP A 185 2.86 -25.00 7.51
CA TRP A 185 2.19 -26.04 6.70
C TRP A 185 2.89 -27.40 6.69
N ASP A 186 2.21 -28.39 6.12
CA ASP A 186 2.65 -29.76 6.14
C ASP A 186 3.41 -30.10 4.87
N ALA A 187 4.72 -30.30 5.02
CA ALA A 187 5.54 -30.64 3.90
C ALA A 187 5.96 -32.10 3.90
N SER A 188 5.10 -33.04 4.28
CA SER A 188 5.53 -34.45 4.41
C SER A 188 5.96 -35.07 3.03
N SER A 189 5.44 -34.53 1.92
CA SER A 189 5.79 -34.94 0.53
C SER A 189 7.30 -34.83 0.22
N TRP A 190 7.94 -33.85 0.85
CA TRP A 190 9.40 -33.65 0.81
C TRP A 190 10.09 -34.53 1.88
N ALA A 191 9.49 -34.63 3.08
CA ALA A 191 9.99 -35.55 4.09
C ALA A 191 10.00 -37.00 3.57
N THR A 192 10.84 -37.24 2.57
CA THR A 192 10.91 -38.53 1.89
C THR A 192 11.77 -39.51 2.70
N LYS A 196 15.25 -37.16 8.88
CA LYS A 196 14.28 -36.99 9.97
C LYS A 196 12.96 -37.73 9.70
N TYR A 197 12.05 -37.10 8.95
CA TYR A 197 10.75 -37.74 8.70
C TYR A 197 9.63 -36.82 8.29
N LYS A 198 8.42 -37.39 8.28
CA LYS A 198 7.19 -36.65 8.01
C LYS A 198 6.39 -36.20 9.25
N ALA A 199 5.42 -35.29 9.00
CA ALA A 199 4.59 -34.68 10.03
C ALA A 199 3.90 -35.75 10.89
N ASP A 200 4.14 -35.65 12.19
CA ASP A 200 3.55 -36.48 13.21
C ASP A 200 2.64 -35.59 14.09
N TYR A 201 1.33 -35.69 13.87
CA TYR A 201 0.35 -34.78 14.49
C TYR A 201 0.08 -35.06 15.94
N ARG A 202 0.70 -36.08 16.49
CA ARG A 202 0.74 -36.23 17.94
C ARG A 202 1.50 -35.09 18.65
N TYR A 203 2.27 -34.28 17.90
CA TYR A 203 3.00 -33.14 18.47
C TYR A 203 2.36 -31.80 18.18
N GLN A 204 1.09 -31.90 17.84
CA GLN A 204 0.18 -30.95 17.19
C GLN A 204 0.34 -29.41 17.31
N PRO A 205 -0.27 -28.66 18.26
CA PRO A 205 -0.16 -27.45 17.36
C PRO A 205 1.38 -27.21 17.11
N PHE A 206 1.71 -26.95 15.88
CA PHE A 206 3.06 -26.48 15.51
C PHE A 206 2.83 -25.03 15.26
N VAL A 207 3.42 -24.20 16.12
CA VAL A 207 3.14 -22.78 16.18
C VAL A 207 4.29 -21.96 15.58
N GLY A 208 3.95 -20.93 14.82
CA GLY A 208 4.90 -19.97 14.25
C GLY A 208 4.55 -18.61 14.84
N LYS A 209 5.57 -17.85 15.25
CA LYS A 209 5.35 -16.52 15.89
C LYS A 209 6.12 -15.47 15.13
N TYR A 210 5.42 -14.41 14.76
CA TYR A 210 5.98 -13.35 13.90
C TYR A 210 5.68 -12.01 14.58
N GLU A 211 6.64 -11.10 14.56
CA GLU A 211 6.52 -9.84 15.31
C GLU A 211 7.44 -8.83 14.64
N ASP A 212 7.28 -7.58 14.97
CA ASP A 212 8.12 -6.48 14.47
C ASP A 212 8.37 -6.54 12.93
N PHE A 213 7.27 -6.49 12.20
CA PHE A 213 7.30 -6.54 10.79
C PHE A 213 8.00 -5.27 10.31
N LYS A 214 8.76 -5.44 9.23
CA LYS A 214 9.55 -4.37 8.66
C LYS A 214 9.29 -4.27 7.17
N LEU A 215 8.91 -3.08 6.75
CA LEU A 215 8.67 -2.76 5.35
C LEU A 215 9.43 -1.50 4.95
N GLY A 216 10.34 -1.66 4.01
CA GLY A 216 11.06 -0.56 3.37
C GLY A 216 10.96 -0.73 1.84
N SER A 217 9.76 -0.50 1.32
CA SER A 217 9.38 -1.04 0.04
C SER A 217 8.55 -0.12 -0.84
N CYS A 218 8.28 -0.63 -2.04
CA CYS A 218 7.62 0.14 -3.13
C CYS A 218 6.48 -0.69 -3.68
N THR A 219 5.27 -0.27 -3.33
CA THR A 219 4.11 -0.81 -3.89
C THR A 219 4.20 -0.62 -5.41
N VAL A 220 3.46 -1.45 -6.14
CA VAL A 220 3.34 -1.34 -7.58
C VAL A 220 3.02 0.10 -7.99
N GLU A 221 2.06 0.71 -7.30
CA GLU A 221 1.61 2.07 -7.59
C GLU A 221 2.29 3.24 -6.91
N ALA A 222 3.27 2.99 -6.06
CA ALA A 222 4.01 4.04 -5.37
C ALA A 222 4.51 5.03 -6.37
N ALA A 223 4.50 6.29 -6.00
CA ALA A 223 5.29 7.30 -6.70
C ALA A 223 6.63 6.75 -7.22
N SER A 224 6.98 7.18 -8.42
CA SER A 224 8.12 6.56 -9.12
C SER A 224 9.45 6.86 -8.50
N SER A 225 9.49 7.91 -7.69
CA SER A 225 10.63 8.16 -6.80
C SER A 225 10.86 7.18 -5.69
N CYS A 226 9.93 6.31 -5.37
CA CYS A 226 10.18 5.34 -4.36
C CYS A 226 11.25 4.31 -4.82
N ASN A 227 12.25 4.06 -3.98
CA ASN A 227 13.24 3.00 -4.17
C ASN A 227 13.27 2.20 -2.92
N PRO A 228 13.67 0.93 -3.00
CA PRO A 228 13.71 0.13 -1.75
C PRO A 228 14.63 0.69 -0.73
N ALA A 229 14.39 0.35 0.53
CA ALA A 229 15.23 0.78 1.62
C ALA A 229 16.68 0.33 1.42
N SER A 230 17.59 1.06 2.07
CA SER A 230 19.03 0.76 2.09
C SER A 230 19.41 -0.45 2.90
N VAL A 231 20.36 -1.23 2.38
CA VAL A 231 20.69 -2.56 2.93
C VAL A 231 22.22 -2.63 3.05
N SER A 232 22.86 -1.51 2.76
CA SER A 232 24.29 -1.41 2.75
C SER A 232 24.68 0.04 2.86
N PRO A 233 25.95 0.31 3.28
CA PRO A 233 26.50 1.65 3.02
C PRO A 233 26.74 1.74 1.50
N TYR A 234 26.22 2.79 0.91
CA TYR A 234 26.42 2.94 -0.56
C TYR A 234 25.77 1.92 -1.56
N GLY A 235 24.84 1.07 -1.27
CA GLY A 235 24.13 0.59 -2.49
C GLY A 235 24.69 -0.53 -3.38
N GLN A 236 25.75 -1.14 -2.88
CA GLN A 236 25.99 -2.53 -3.10
C GLN A 236 26.50 -3.09 -1.75
N LEU A 237 26.43 -4.41 -1.58
CA LEU A 237 26.97 -4.99 -0.36
C LEU A 237 28.41 -4.60 -0.18
N SER A 238 28.69 -4.16 1.04
CA SER A 238 30.04 -3.80 1.46
C SER A 238 30.89 -5.05 1.56
N GLN A 239 32.19 -4.87 1.55
CA GLN A 239 33.06 -5.99 1.66
C GLN A 239 32.97 -6.66 3.03
N GLN A 240 32.64 -5.90 4.05
CA GLN A 240 32.38 -6.46 5.35
C GLN A 240 31.10 -7.34 5.36
N GLN A 241 30.05 -6.89 4.73
CA GLN A 241 28.86 -7.72 4.52
C GLN A 241 29.16 -8.96 3.67
N VAL A 242 29.86 -8.80 2.55
CA VAL A 242 30.32 -9.94 1.75
C VAL A 242 31.10 -10.98 2.60
N ALA A 243 32.07 -10.52 3.37
CA ALA A 243 32.79 -11.39 4.26
C ALA A 243 31.93 -12.13 5.28
N ALA A 244 30.92 -11.49 5.83
CA ALA A 244 30.03 -12.17 6.73
C ALA A 244 29.25 -13.29 6.01
N MET A 245 28.72 -12.96 4.84
CA MET A 245 28.05 -13.94 3.99
C MET A 245 28.93 -15.14 3.68
N GLU A 246 30.20 -14.84 3.34
CA GLU A 246 31.13 -15.87 2.97
C GLU A 246 31.40 -16.83 4.14
N TRP A 247 31.59 -16.28 5.32
CA TRP A 247 31.76 -17.04 6.53
C TRP A 247 30.51 -17.92 6.77
N VAL A 248 29.32 -17.36 6.54
CA VAL A 248 28.10 -18.14 6.75
C VAL A 248 28.09 -19.35 5.80
N GLN A 249 28.35 -19.09 4.52
CA GLN A 249 28.28 -20.15 3.53
C GLN A 249 29.36 -21.18 3.77
N LYS A 250 30.51 -20.72 4.26
CA LYS A 250 31.63 -21.57 4.45
C LYS A 250 31.42 -22.50 5.65
N ASN A 251 30.78 -22.00 6.69
CA ASN A 251 30.59 -22.74 7.94
C ASN A 251 29.23 -23.42 8.18
N TYR A 252 28.18 -22.93 7.53
CA TYR A 252 26.81 -23.40 7.78
C TYR A 252 26.00 -23.88 6.59
N MET A 253 26.49 -23.65 5.37
CA MET A 253 25.75 -24.09 4.18
C MET A 253 25.78 -25.61 4.01
N VAL A 254 24.59 -26.19 3.88
CA VAL A 254 24.45 -27.64 3.78
C VAL A 254 23.91 -28.17 2.43
N TYR A 255 23.42 -27.25 1.61
CA TYR A 255 23.02 -27.56 0.28
C TYR A 255 23.08 -26.31 -0.59
N ASN A 256 23.67 -26.47 -1.76
CA ASN A 256 23.64 -25.44 -2.77
C ASN A 256 23.29 -26.07 -4.13
N TYR A 257 22.12 -25.76 -4.69
CA TYR A 257 21.69 -26.42 -5.94
C TYR A 257 22.74 -26.36 -7.09
N CYS A 258 23.51 -25.28 -7.14
CA CYS A 258 24.59 -25.13 -8.11
C CYS A 258 25.64 -26.20 -7.96
N ASP A 259 25.92 -26.64 -6.73
CA ASP A 259 26.98 -27.65 -6.45
C ASP A 259 26.47 -29.06 -6.60
N ASP A 260 25.17 -29.24 -6.78
CA ASP A 260 24.58 -30.53 -6.79
C ASP A 260 24.85 -31.08 -8.17
N PRO A 261 25.71 -32.16 -8.28
CA PRO A 261 26.03 -32.76 -9.57
C PRO A 261 24.86 -33.47 -10.30
N THR A 262 23.80 -33.81 -9.59
CA THR A 262 22.56 -34.17 -10.25
C THR A 262 21.89 -32.83 -10.54
N ARG A 263 20.60 -32.84 -10.89
CA ARG A 263 19.93 -31.55 -11.27
C ARG A 263 20.48 -31.03 -12.61
N ASP A 264 19.51 -30.69 -13.46
CA ASP A 264 19.82 -30.30 -14.82
C ASP A 264 20.11 -28.79 -14.89
N HIS A 265 21.37 -28.44 -14.96
CA HIS A 265 21.73 -27.04 -14.93
C HIS A 265 21.35 -26.27 -16.21
N THR A 266 21.01 -26.98 -17.28
CA THR A 266 20.47 -26.31 -18.46
C THR A 266 19.11 -25.68 -18.16
N LEU A 267 18.44 -26.15 -17.11
CA LEU A 267 17.15 -25.57 -16.68
C LEU A 267 17.30 -24.46 -15.63
N THR A 268 18.52 -24.27 -15.15
CA THR A 268 18.91 -23.17 -14.26
C THR A 268 20.30 -22.67 -14.72
N PRO A 269 20.35 -21.95 -15.87
CA PRO A 269 21.62 -21.52 -16.47
C PRO A 269 22.41 -20.41 -15.75
N GLU A 270 21.84 -19.78 -14.73
CA GLU A 270 22.56 -18.80 -13.92
C GLU A 270 23.76 -19.34 -13.08
N CYS A 271 23.85 -20.65 -12.87
CA CYS A 271 24.99 -21.25 -12.13
C CYS A 271 26.34 -21.16 -12.90
N PRO B 3 -10.08 28.19 -19.27
CA PRO B 3 -8.86 28.78 -18.74
C PRO B 3 -7.68 28.57 -19.68
N PRO B 4 -6.60 29.34 -19.47
CA PRO B 4 -5.38 29.14 -20.21
C PRO B 4 -4.69 27.84 -19.77
N SER B 5 -3.96 27.19 -20.68
CA SER B 5 -3.22 26.00 -20.34
C SER B 5 -2.32 26.30 -19.15
N PRO B 6 -2.33 25.41 -18.14
CA PRO B 6 -1.35 25.55 -17.06
C PRO B 6 0.05 25.18 -17.51
N GLY B 7 0.16 24.57 -18.69
CA GLY B 7 1.45 24.30 -19.32
C GLY B 7 2.13 23.05 -18.79
N TYR B 8 1.53 22.37 -17.82
CA TYR B 8 2.06 21.15 -17.30
C TYR B 8 0.80 20.38 -16.87
N TYR B 9 0.79 19.09 -17.18
CA TYR B 9 -0.37 18.22 -17.05
C TYR B 9 -0.03 16.99 -16.23
N PRO B 10 -0.09 17.12 -14.89
CA PRO B 10 0.32 16.01 -13.99
C PRO B 10 -0.38 14.67 -14.26
N SER B 11 -1.67 14.69 -14.61
CA SER B 11 -2.38 13.47 -14.75
C SER B 11 -1.86 12.65 -15.92
N SER B 12 -1.30 13.34 -16.90
CA SER B 12 -0.77 12.67 -18.08
C SER B 12 0.49 11.92 -17.74
N GLN B 13 1.07 12.18 -16.58
CA GLN B 13 2.31 11.52 -16.23
C GLN B 13 2.09 10.22 -15.46
N ILE B 14 0.89 10.00 -14.96
CA ILE B 14 0.61 8.88 -14.11
C ILE B 14 -0.32 7.88 -14.80
N THR B 15 0.07 6.60 -14.79
CA THR B 15 -0.78 5.53 -15.33
C THR B 15 -1.98 5.34 -14.44
N SER B 16 -3.11 5.10 -15.09
CA SER B 16 -4.36 4.86 -14.39
C SER B 16 -4.40 3.47 -13.79
N LEU B 17 -5.22 3.33 -12.78
CA LEU B 17 -5.42 2.03 -12.22
C LEU B 17 -6.93 1.77 -12.15
N GLY B 18 -7.27 0.48 -12.13
CA GLY B 18 -8.68 0.04 -11.92
C GLY B 18 -8.97 0.14 -10.42
N PHE B 19 -10.24 0.38 -10.09
CA PHE B 19 -10.71 0.50 -8.73
C PHE B 19 -10.13 -0.52 -7.70
N ASP B 20 -10.13 -1.80 -8.06
CA ASP B 20 -9.79 -2.91 -7.12
C ASP B 20 -8.30 -2.98 -6.75
N GLN B 21 -7.46 -2.37 -7.56
CA GLN B 21 -6.03 -2.23 -7.25
C GLN B 21 -5.69 -1.16 -6.21
N GLY B 22 -6.60 -0.25 -5.92
CA GLY B 22 -6.32 0.83 -4.95
C GLY B 22 -7.31 1.00 -3.83
N TYR B 23 -8.52 0.46 -4.03
CA TYR B 23 -9.71 0.74 -3.24
C TYR B 23 -10.60 -0.43 -3.01
N THR B 24 -11.47 -0.24 -2.04
CA THR B 24 -12.49 -1.22 -1.64
C THR B 24 -13.78 -0.54 -1.22
N ASN B 25 -14.91 -1.23 -1.34
CA ASN B 25 -16.16 -0.71 -0.80
C ASN B 25 -16.05 -0.47 0.72
N LEU B 26 -16.59 0.65 1.19
CA LEU B 26 -16.61 0.93 2.60
C LEU B 26 -18.04 0.79 3.14
N TRP B 27 -19.01 1.41 2.48
CA TRP B 27 -20.38 1.16 2.82
C TRP B 27 -21.34 1.24 1.64
N GLY B 28 -22.56 0.73 1.80
CA GLY B 28 -23.52 0.57 0.71
C GLY B 28 -23.00 -0.30 -0.43
N PRO B 29 -22.57 -1.52 -0.12
CA PRO B 29 -21.99 -2.38 -1.13
C PRO B 29 -23.02 -2.76 -2.27
N GLN B 30 -24.29 -2.85 -1.89
CA GLN B 30 -25.38 -3.05 -2.82
C GLN B 30 -25.61 -1.86 -3.80
N HIS B 31 -25.09 -0.68 -3.48
CA HIS B 31 -25.17 0.53 -4.30
C HIS B 31 -23.83 0.87 -5.00
N GLN B 32 -23.08 -0.15 -5.32
CA GLN B 32 -21.78 -0.02 -5.91
C GLN B 32 -21.66 -1.14 -6.95
N ARG B 33 -21.12 -0.80 -8.15
CA ARG B 33 -20.66 -1.79 -9.13
C ARG B 33 -19.35 -1.35 -9.78
N VAL B 34 -18.57 -2.36 -10.17
CA VAL B 34 -17.26 -2.15 -10.76
C VAL B 34 -17.28 -2.83 -12.15
N ASP B 35 -16.97 -2.10 -13.23
CA ASP B 35 -16.96 -2.70 -14.60
C ASP B 35 -15.61 -2.39 -15.20
N GLN B 36 -14.81 -3.43 -15.33
CA GLN B 36 -13.44 -3.35 -15.80
C GLN B 36 -12.74 -2.18 -15.20
N GLY B 37 -12.79 -2.11 -13.87
CA GLY B 37 -12.07 -1.11 -13.10
C GLY B 37 -12.78 0.20 -12.96
N SER B 38 -13.90 0.36 -13.66
CA SER B 38 -14.71 1.59 -13.59
C SER B 38 -15.78 1.46 -12.50
N LEU B 39 -15.90 2.49 -11.68
CA LEU B 39 -16.81 2.49 -10.57
C LEU B 39 -18.06 3.29 -10.82
N THR B 40 -19.18 2.67 -10.45
CA THR B 40 -20.44 3.37 -10.35
C THR B 40 -20.99 3.18 -8.91
N ILE B 41 -21.40 4.29 -8.29
CA ILE B 41 -21.99 4.28 -6.96
C ILE B 41 -23.22 5.13 -6.95
N TRP B 42 -24.17 4.87 -6.05
CA TRP B 42 -25.35 5.69 -6.07
C TRP B 42 -26.07 5.76 -4.75
N LEU B 43 -26.93 6.78 -4.66
CA LEU B 43 -27.74 7.07 -3.52
C LEU B 43 -29.21 7.01 -3.90
N ASP B 44 -30.00 6.39 -3.02
CA ASP B 44 -31.43 6.51 -3.02
C ASP B 44 -31.90 6.56 -1.54
N SER B 45 -33.22 6.44 -1.26
CA SER B 45 -33.76 6.69 0.09
C SER B 45 -33.31 5.66 1.10
N THR B 46 -32.85 4.53 0.57
CA THR B 46 -32.43 3.39 1.32
C THR B 46 -30.98 3.54 1.81
N SER B 47 -30.11 4.16 1.02
CA SER B 47 -28.72 4.16 1.33
C SER B 47 -27.93 4.92 0.26
N GLY B 48 -26.85 5.54 0.66
CA GLY B 48 -25.81 5.96 -0.28
C GLY B 48 -24.74 4.86 -0.36
N SER B 49 -23.55 5.26 -0.78
CA SER B 49 -22.45 4.34 -0.95
C SER B 49 -21.13 5.10 -0.85
N GLY B 50 -20.08 4.40 -0.49
CA GLY B 50 -18.76 4.98 -0.54
C GLY B 50 -17.71 3.92 -0.51
N PHE B 51 -16.52 4.35 -0.94
CA PHE B 51 -15.38 3.46 -1.03
C PHE B 51 -14.23 4.09 -0.27
N LYS B 52 -13.19 3.29 -0.01
CA LYS B 52 -12.02 3.74 0.71
C LYS B 52 -10.75 3.12 0.12
N SER B 53 -9.64 3.85 0.20
CA SER B 53 -8.35 3.24 -0.15
C SER B 53 -7.93 2.05 0.71
N ILE B 54 -7.22 1.08 0.12
CA ILE B 54 -6.67 0.03 0.91
C ILE B 54 -5.52 0.50 1.78
N ASN B 55 -4.93 1.64 1.43
CA ASN B 55 -3.79 2.17 2.19
C ASN B 55 -4.06 3.47 2.89
N ARG B 56 -3.32 3.68 3.97
CA ARG B 56 -3.09 5.08 4.38
C ARG B 56 -1.78 5.63 3.93
N TYR B 57 -1.82 6.95 3.78
CA TYR B 57 -0.79 7.74 3.10
C TYR B 57 -0.23 8.84 3.94
N ARG B 58 1.04 9.10 3.74
CA ARG B 58 1.70 10.22 4.39
C ARG B 58 1.75 11.47 3.50
N SER B 59 1.41 11.29 2.23
CA SER B 59 1.78 12.23 1.18
C SER B 59 1.21 11.71 -0.14
N GLY B 60 0.84 12.58 -1.08
CA GLY B 60 0.84 12.15 -2.48
C GLY B 60 -0.06 12.94 -3.38
N TYR B 61 -0.27 12.37 -4.57
CA TYR B 61 -1.23 12.81 -5.59
C TYR B 61 -2.32 11.74 -5.76
N PHE B 62 -3.57 12.16 -5.64
CA PHE B 62 -4.70 11.28 -5.62
C PHE B 62 -5.75 11.83 -6.58
N GLY B 63 -6.00 11.10 -7.64
CA GLY B 63 -6.91 11.57 -8.68
C GLY B 63 -7.85 10.52 -9.21
N ALA B 64 -8.84 11.02 -9.93
CA ALA B 64 -9.86 10.18 -10.58
C ALA B 64 -10.53 11.00 -11.62
N ASN B 65 -10.93 10.33 -12.70
CA ASN B 65 -11.97 10.87 -13.61
C ASN B 65 -13.34 10.63 -13.03
N ILE B 66 -14.16 11.69 -13.03
CA ILE B 66 -15.45 11.66 -12.41
C ILE B 66 -16.47 12.29 -13.36
N LYS B 67 -17.65 11.64 -13.38
CA LYS B 67 -18.80 12.12 -14.12
C LYS B 67 -19.99 12.16 -13.19
N LEU B 68 -20.70 13.29 -13.21
CA LEU B 68 -21.80 13.55 -12.27
C LEU B 68 -23.18 13.30 -12.86
N GLN B 69 -24.12 13.11 -11.94
CA GLN B 69 -25.57 12.94 -12.26
C GLN B 69 -26.23 14.17 -12.91
N SER B 70 -27.02 13.90 -13.96
CA SER B 70 -27.75 14.90 -14.70
C SER B 70 -29.09 15.15 -13.99
N GLY B 71 -29.63 16.33 -14.16
CA GLY B 71 -30.97 16.63 -13.67
C GLY B 71 -31.05 17.15 -12.26
N TYR B 72 -32.15 16.85 -11.58
CA TYR B 72 -32.39 17.36 -10.24
C TYR B 72 -31.49 16.56 -9.32
N THR B 73 -30.55 17.27 -8.68
CA THR B 73 -29.64 16.73 -7.69
C THR B 73 -29.51 17.63 -6.45
N ALA B 74 -30.45 18.55 -6.22
CA ALA B 74 -30.37 19.40 -5.02
C ALA B 74 -30.19 18.56 -3.78
N GLY B 75 -29.26 18.96 -2.95
CA GLY B 75 -29.11 18.34 -1.65
C GLY B 75 -28.24 17.11 -1.68
N VAL B 76 -27.66 16.77 -2.84
CA VAL B 76 -26.82 15.60 -2.92
C VAL B 76 -25.38 15.94 -3.23
N ILE B 77 -24.52 15.27 -2.49
CA ILE B 77 -23.09 15.49 -2.57
C ILE B 77 -22.39 14.25 -3.15
N THR B 78 -21.58 14.51 -4.16
CA THR B 78 -20.68 13.53 -4.70
C THR B 78 -19.26 14.03 -4.30
N SER B 79 -18.46 13.14 -3.74
CA SER B 79 -17.23 13.53 -3.11
C SER B 79 -16.05 12.64 -3.42
N PHE B 80 -14.89 13.26 -3.26
CA PHE B 80 -13.61 12.62 -3.39
C PHE B 80 -12.68 13.34 -2.41
N TYR B 81 -12.13 12.58 -1.45
CA TYR B 81 -11.53 13.17 -0.27
C TYR B 81 -10.57 12.26 0.48
N LEU B 82 -9.73 12.93 1.30
CA LEU B 82 -8.74 12.32 2.20
C LEU B 82 -9.26 12.64 3.58
N SER B 83 -9.20 11.66 4.47
CA SER B 83 -9.71 11.80 5.82
C SER B 83 -9.00 10.78 6.72
N ASN B 84 -8.94 11.12 8.01
CA ASN B 84 -8.63 10.14 9.07
C ASN B 84 -9.67 10.09 10.20
N ASN B 85 -10.93 10.36 9.84
CA ASN B 85 -12.00 10.31 10.83
C ASN B 85 -12.14 8.94 11.47
N GLN B 86 -11.89 7.86 10.71
CA GLN B 86 -11.96 6.52 11.33
C GLN B 86 -10.86 6.25 12.34
N ASP B 87 -9.77 7.01 12.31
CA ASP B 87 -8.66 6.89 13.23
C ASP B 87 -8.80 7.81 14.42
N TYR B 88 -9.48 8.96 14.26
CA TYR B 88 -9.63 10.00 15.29
C TYR B 88 -11.01 10.53 15.23
N PRO B 89 -12.01 9.72 15.56
CA PRO B 89 -13.39 10.17 15.32
C PRO B 89 -13.75 11.48 16.04
N GLY B 90 -14.19 12.46 15.25
CA GLY B 90 -14.60 13.75 15.73
C GLY B 90 -13.46 14.72 15.88
N LYS B 91 -12.21 14.25 15.65
CA LYS B 91 -10.99 14.99 16.00
C LYS B 91 -10.00 14.85 14.90
N HIS B 92 -10.52 14.90 13.70
CA HIS B 92 -9.80 14.43 12.59
C HIS B 92 -9.40 15.52 11.63
N ASP B 93 -8.63 15.09 10.65
CA ASP B 93 -8.25 15.89 9.52
C ASP B 93 -8.91 15.34 8.25
N GLU B 94 -9.11 16.25 7.31
CA GLU B 94 -9.82 16.01 6.08
C GLU B 94 -9.51 17.12 5.04
N ILE B 95 -9.41 16.67 3.81
CA ILE B 95 -9.21 17.48 2.60
C ILE B 95 -10.18 17.00 1.53
N ASP B 96 -11.10 17.88 1.15
CA ASP B 96 -12.25 17.53 0.34
C ASP B 96 -12.31 18.20 -0.99
N ILE B 97 -12.68 17.40 -2.00
CA ILE B 97 -13.48 17.85 -3.16
C ILE B 97 -14.96 17.36 -3.03
N GLU B 98 -15.90 18.30 -2.98
CA GLU B 98 -17.35 18.00 -3.00
C GLU B 98 -18.05 18.64 -4.19
N PHE B 99 -18.87 17.87 -4.87
CA PHE B 99 -19.79 18.40 -5.90
C PHE B 99 -21.16 18.56 -5.31
N LEU B 100 -21.60 19.81 -5.26
CA LEU B 100 -22.81 20.18 -4.64
C LEU B 100 -23.92 20.17 -5.67
N GLY B 101 -24.83 19.25 -5.49
CA GLY B 101 -25.91 19.08 -6.40
C GLY B 101 -26.84 20.24 -6.47
N THR B 102 -27.53 20.30 -7.59
CA THR B 102 -28.34 21.39 -7.88
C THR B 102 -29.66 21.07 -8.63
N ILE B 103 -30.33 22.14 -8.97
CA ILE B 103 -31.66 22.11 -9.49
C ILE B 103 -31.49 22.30 -10.99
N PRO B 104 -32.38 21.68 -11.81
CA PRO B 104 -32.07 21.84 -13.25
C PRO B 104 -32.20 23.33 -13.63
N GLY B 105 -31.18 23.81 -14.37
CA GLY B 105 -31.05 25.24 -14.70
C GLY B 105 -30.00 25.99 -13.90
N LYS B 106 -29.33 25.29 -12.97
CA LYS B 106 -28.27 25.93 -12.23
C LYS B 106 -27.04 25.07 -12.40
N PRO B 107 -25.87 25.72 -12.27
CA PRO B 107 -24.60 25.01 -12.35
C PRO B 107 -24.33 24.19 -11.09
N TYR B 108 -23.63 23.07 -11.25
CA TYR B 108 -22.89 22.50 -10.13
C TYR B 108 -21.84 23.49 -9.60
N THR B 109 -21.69 23.38 -8.29
CA THR B 109 -20.61 24.03 -7.53
C THR B 109 -19.65 22.97 -7.11
N LEU B 110 -18.35 23.27 -7.26
CA LEU B 110 -17.33 22.44 -6.67
C LEU B 110 -16.82 23.20 -5.44
N GLN B 111 -16.85 22.48 -4.32
CA GLN B 111 -16.34 22.95 -3.07
C GLN B 111 -15.08 22.18 -2.67
N THR B 112 -14.07 22.95 -2.26
CA THR B 112 -12.83 22.48 -1.65
C THR B 112 -12.90 22.90 -0.19
N ASN B 113 -12.35 22.05 0.65
CA ASN B 113 -12.34 22.29 2.07
C ASN B 113 -11.17 21.57 2.74
N VAL B 114 -10.79 22.10 3.91
CA VAL B 114 -9.77 21.53 4.76
C VAL B 114 -10.22 21.57 6.22
N PHE B 115 -10.09 20.41 6.90
CA PHE B 115 -10.22 20.30 8.36
C PHE B 115 -8.97 19.83 9.02
N ILE B 116 -8.71 20.39 10.20
CA ILE B 116 -7.53 20.02 10.97
C ILE B 116 -7.98 19.79 12.36
N GLU B 117 -7.76 18.59 12.89
CA GLU B 117 -8.21 18.19 14.24
C GLU B 117 -9.66 18.53 14.57
N GLY B 118 -10.54 18.22 13.65
CA GLY B 118 -11.93 18.35 13.94
C GLY B 118 -12.58 19.55 13.29
N SER B 119 -13.79 19.25 12.82
CA SER B 119 -14.81 20.25 12.57
C SER B 119 -15.27 20.78 13.96
N GLY B 120 -15.93 21.93 14.01
CA GLY B 120 -16.28 22.49 15.32
C GLY B 120 -17.40 21.72 16.03
N ASP B 121 -17.43 21.85 17.35
CA ASP B 121 -18.56 21.31 18.10
C ASP B 121 -19.58 22.39 18.39
N TYR B 122 -19.07 23.59 18.71
CA TYR B 122 -19.91 24.78 18.99
C TYR B 122 -20.03 25.76 17.78
N ASN B 123 -19.13 25.64 16.83
CA ASN B 123 -19.04 26.58 15.72
C ASN B 123 -18.82 25.79 14.48
N ILE B 124 -19.20 26.35 13.35
CA ILE B 124 -18.81 25.74 12.10
C ILE B 124 -17.46 26.33 11.66
N ILE B 125 -16.44 25.47 11.62
CA ILE B 125 -15.07 25.88 11.25
C ILE B 125 -14.72 25.33 9.87
N GLY B 126 -15.22 25.99 8.84
CA GLY B 126 -14.88 25.60 7.48
C GLY B 126 -13.76 26.41 6.88
N ARG B 127 -13.06 25.80 5.95
CA ARG B 127 -12.05 26.45 5.17
C ARG B 127 -12.42 26.27 3.69
N GLU B 128 -13.66 26.65 3.39
CA GLU B 128 -14.26 26.40 2.08
C GLU B 128 -13.89 27.47 1.03
N LEU B 129 -13.67 26.95 -0.16
CA LEU B 129 -13.58 27.76 -1.35
C LEU B 129 -14.31 27.00 -2.42
N ARG B 130 -15.29 27.65 -2.98
CA ARG B 130 -16.13 27.11 -3.97
C ARG B 130 -15.94 27.79 -5.27
N ILE B 131 -16.08 26.99 -6.32
CA ILE B 131 -16.11 27.50 -7.68
C ILE B 131 -17.26 26.96 -8.48
N HIS B 132 -17.69 27.74 -9.47
CA HIS B 132 -18.43 27.19 -10.59
C HIS B 132 -17.41 26.62 -11.60
N LEU B 133 -17.89 25.72 -12.46
CA LEU B 133 -17.02 25.06 -13.44
C LEU B 133 -17.21 25.62 -14.81
N TRP B 134 -16.18 25.54 -15.63
CA TRP B 134 -16.22 26.08 -16.99
C TRP B 134 -16.67 25.02 -18.01
N PHE B 135 -17.18 23.90 -17.51
CA PHE B 135 -17.67 22.83 -18.37
C PHE B 135 -18.83 22.18 -17.62
N ASP B 136 -19.62 21.39 -18.37
CA ASP B 136 -20.73 20.63 -17.78
C ASP B 136 -20.17 19.31 -17.23
N PRO B 137 -20.09 19.21 -15.89
CA PRO B 137 -19.52 17.99 -15.32
C PRO B 137 -20.42 16.70 -15.39
N THR B 138 -21.63 16.86 -15.83
CA THR B 138 -22.53 15.74 -16.02
C THR B 138 -22.39 15.12 -17.39
N GLN B 139 -21.68 15.77 -18.28
CA GLN B 139 -21.73 15.42 -19.69
C GLN B 139 -20.58 14.49 -20.11
N ASP B 140 -19.48 14.57 -19.39
CA ASP B 140 -18.39 13.65 -19.56
C ASP B 140 -17.65 13.49 -18.23
N TYR B 141 -16.69 12.57 -18.24
CA TYR B 141 -15.65 12.44 -17.23
C TYR B 141 -14.62 13.57 -17.28
N HIS B 142 -14.32 14.14 -16.12
CA HIS B 142 -13.29 15.17 -16.00
C HIS B 142 -12.36 14.73 -14.89
N ASN B 143 -11.12 15.18 -14.92
CA ASN B 143 -10.10 14.85 -13.92
C ASN B 143 -10.20 15.76 -12.72
N TYR B 144 -10.21 15.12 -11.55
CA TYR B 144 -10.15 15.86 -10.33
C TYR B 144 -9.04 15.27 -9.50
N ALA B 145 -8.23 16.11 -8.85
CA ALA B 145 -7.14 15.62 -8.02
C ALA B 145 -6.85 16.45 -6.79
N ILE B 146 -6.39 15.77 -5.76
CA ILE B 146 -5.82 16.39 -4.58
C ILE B 146 -4.35 16.01 -4.44
N TYR B 147 -3.56 17.04 -4.22
CA TYR B 147 -2.12 16.91 -3.98
C TYR B 147 -1.86 17.41 -2.62
N TRP B 148 -1.25 16.53 -1.81
CA TRP B 148 -0.98 16.81 -0.39
C TRP B 148 0.42 16.34 0.02
N THR B 149 1.23 17.30 0.50
CA THR B 149 2.55 17.14 1.01
C THR B 149 2.64 17.88 2.34
N PRO B 150 3.79 17.76 3.02
CA PRO B 150 3.98 18.55 4.23
C PRO B 150 4.14 20.05 4.06
N SER B 151 4.26 20.58 2.83
CA SER B 151 4.24 22.04 2.67
C SER B 151 2.95 22.61 2.11
N GLU B 152 2.14 21.80 1.45
CA GLU B 152 1.03 22.36 0.70
C GLU B 152 -0.01 21.37 0.29
N ILE B 153 -1.18 21.91 0.02
CA ILE B 153 -2.26 21.18 -0.63
C ILE B 153 -2.64 21.94 -1.88
N ILE B 154 -2.75 21.21 -2.99
CA ILE B 154 -3.19 21.80 -4.25
C ILE B 154 -4.34 20.97 -4.84
N PHE B 155 -5.36 21.67 -5.32
CA PHE B 155 -6.55 21.01 -5.89
C PHE B 155 -6.54 21.28 -7.38
N PHE B 156 -6.69 20.24 -8.20
CA PHE B 156 -6.64 20.34 -9.64
C PHE B 156 -7.95 19.91 -10.28
N VAL B 157 -8.38 20.63 -11.32
CA VAL B 157 -9.53 20.22 -12.15
C VAL B 157 -9.04 20.22 -13.59
N ASP B 158 -9.08 19.07 -14.27
CA ASP B 158 -8.52 18.90 -15.61
C ASP B 158 -7.08 19.47 -15.69
N ASP B 159 -6.33 19.25 -14.60
CA ASP B 159 -4.91 19.57 -14.51
C ASP B 159 -4.64 21.04 -14.28
N VAL B 160 -5.69 21.84 -14.16
CA VAL B 160 -5.64 23.22 -13.76
C VAL B 160 -5.77 23.33 -12.22
N PRO B 161 -4.76 23.94 -11.57
CA PRO B 161 -4.92 24.17 -10.13
C PRO B 161 -5.97 25.25 -9.88
N ILE B 162 -6.85 24.99 -8.94
CA ILE B 162 -7.95 25.90 -8.63
C ILE B 162 -7.74 26.50 -7.24
N ARG B 163 -6.88 25.86 -6.46
CA ARG B 163 -6.60 26.30 -5.13
C ARG B 163 -5.31 25.70 -4.61
N ARG B 164 -4.58 26.53 -3.90
CA ARG B 164 -3.39 26.09 -3.16
C ARG B 164 -3.57 26.46 -1.69
N TYR B 165 -3.47 25.50 -0.79
CA TYR B 165 -3.54 25.78 0.67
C TYR B 165 -2.15 25.49 1.25
N PRO B 166 -1.34 26.53 1.49
CA PRO B 166 0.03 26.29 1.98
C PRO B 166 0.07 26.09 3.47
N ARG B 167 1.12 25.45 3.99
CA ARG B 167 1.26 25.25 5.41
C ARG B 167 1.78 26.51 6.11
N LYS B 168 0.93 27.16 6.88
CA LYS B 168 1.28 28.32 7.63
C LYS B 168 1.52 28.06 9.11
N SER B 169 1.02 26.98 9.66
CA SER B 169 1.31 26.65 11.05
C SER B 169 0.91 25.18 11.14
N ASP B 170 1.43 24.51 12.14
CA ASP B 170 1.05 23.14 12.38
C ASP B 170 -0.40 23.02 12.80
N ALA B 171 -0.92 23.97 13.57
CA ALA B 171 -2.30 23.92 14.00
C ALA B 171 -3.25 24.07 12.85
N THR B 172 -2.81 24.57 11.68
CA THR B 172 -3.72 24.85 10.57
C THR B 172 -3.51 24.00 9.34
N PHE B 173 -2.72 22.94 9.48
CA PHE B 173 -2.27 22.14 8.33
C PHE B 173 -2.28 20.67 8.72
N PRO B 174 -2.88 19.84 7.86
CA PRO B 174 -2.95 18.37 7.98
C PRO B 174 -1.61 17.64 7.89
N LEU B 175 -1.23 17.00 8.98
CA LEU B 175 0.10 16.44 9.13
C LEU B 175 0.07 15.02 9.63
N ARG B 176 -1.11 14.41 9.70
CA ARG B 176 -1.21 13.03 10.09
C ARG B 176 -1.69 12.31 8.85
N PRO B 177 -1.44 11.02 8.80
CA PRO B 177 -1.85 10.18 7.69
C PRO B 177 -3.36 10.17 7.43
N MET B 178 -3.67 9.96 6.15
CA MET B 178 -5.00 10.10 5.60
C MET B 178 -5.27 8.87 4.73
N TRP B 179 -6.51 8.42 4.70
CA TRP B 179 -6.94 7.45 3.72
C TRP B 179 -7.70 8.27 2.69
N VAL B 180 -7.90 7.68 1.53
CA VAL B 180 -8.73 8.26 0.44
C VAL B 180 -10.16 7.65 0.46
N TYR B 181 -11.15 8.48 0.18
CA TYR B 181 -12.57 8.12 0.18
C TYR B 181 -13.30 8.75 -1.03
N GLY B 182 -14.38 8.11 -1.46
CA GLY B 182 -15.41 8.80 -2.26
C GLY B 182 -16.77 8.31 -1.88
N SER B 183 -17.79 9.07 -2.20
CA SER B 183 -19.12 8.79 -1.72
C SER B 183 -20.10 9.71 -2.41
N VAL B 184 -21.34 9.24 -2.39
CA VAL B 184 -22.57 9.98 -2.76
C VAL B 184 -23.51 9.92 -1.54
N TRP B 185 -23.97 11.08 -1.11
CA TRP B 185 -24.69 11.19 0.15
C TRP B 185 -25.65 12.39 0.21
N ASP B 186 -26.54 12.32 1.18
CA ASP B 186 -27.59 13.32 1.39
C ASP B 186 -27.10 14.44 2.31
N ALA B 187 -26.91 15.61 1.72
CA ALA B 187 -26.49 16.77 2.49
C ALA B 187 -27.63 17.75 2.68
N SER B 188 -28.85 17.31 2.96
CA SER B 188 -30.00 18.23 3.06
C SER B 188 -29.91 19.17 4.30
N SER B 189 -29.08 18.79 5.28
CA SER B 189 -28.86 19.59 6.49
C SER B 189 -28.27 20.96 6.16
N TRP B 190 -27.44 20.95 5.12
CA TRP B 190 -26.87 22.15 4.54
C TRP B 190 -27.85 22.76 3.53
N ALA B 191 -29.02 23.22 3.98
CA ALA B 191 -29.95 23.94 3.14
C ALA B 191 -29.88 25.40 3.56
N THR B 192 -29.77 26.29 2.57
CA THR B 192 -29.64 27.71 2.79
C THR B 192 -30.49 28.44 1.75
N TYR B 197 -31.01 23.83 -2.56
CA TYR B 197 -32.22 23.32 -1.94
C TYR B 197 -31.99 21.92 -1.33
N LYS B 198 -33.04 21.15 -1.21
CA LYS B 198 -33.08 19.93 -0.34
C LYS B 198 -33.30 18.62 -1.17
N ALA B 199 -32.78 17.48 -0.68
CA ALA B 199 -32.80 16.23 -1.49
C ALA B 199 -34.22 15.71 -1.71
N ASP B 200 -34.60 15.65 -3.00
CA ASP B 200 -35.90 15.13 -3.47
C ASP B 200 -35.70 13.72 -4.11
N TYR B 201 -36.11 12.68 -3.38
CA TYR B 201 -35.85 11.25 -3.77
C TYR B 201 -36.79 10.74 -4.85
N ARG B 202 -37.73 11.55 -5.29
CA ARG B 202 -38.41 11.30 -6.58
C ARG B 202 -37.47 11.29 -7.82
N TYR B 203 -36.22 11.81 -7.70
CA TYR B 203 -35.26 11.79 -8.82
C TYR B 203 -34.17 10.72 -8.72
N GLN B 204 -34.60 9.50 -8.48
CA GLN B 204 -34.38 8.84 -7.25
C GLN B 204 -33.17 8.32 -7.03
N PRO B 205 -32.56 7.61 -8.03
CA PRO B 205 -31.09 7.20 -7.85
C PRO B 205 -30.21 8.33 -8.30
N PHE B 206 -29.25 8.70 -7.46
CA PHE B 206 -28.29 9.74 -7.79
C PHE B 206 -26.96 9.06 -7.95
N VAL B 207 -26.41 9.06 -9.16
CA VAL B 207 -25.30 8.18 -9.49
C VAL B 207 -23.98 8.97 -9.59
N GLY B 208 -22.89 8.38 -9.12
CA GLY B 208 -21.53 8.93 -9.25
C GLY B 208 -20.71 7.91 -9.99
N LYS B 209 -20.00 8.36 -11.00
CA LYS B 209 -19.10 7.51 -11.79
C LYS B 209 -17.64 7.98 -11.67
N TYR B 210 -16.78 7.02 -11.33
CA TYR B 210 -15.34 7.24 -11.10
C TYR B 210 -14.56 6.20 -11.89
N GLU B 211 -13.58 6.63 -12.68
CA GLU B 211 -12.61 5.70 -13.26
C GLU B 211 -11.27 6.40 -13.48
N ASP B 212 -10.31 5.66 -14.05
CA ASP B 212 -8.98 6.13 -14.34
C ASP B 212 -8.38 6.76 -13.08
N PHE B 213 -8.45 6.01 -11.97
CA PHE B 213 -7.85 6.37 -10.72
C PHE B 213 -6.36 6.58 -10.91
N LYS B 214 -5.86 7.64 -10.28
CA LYS B 214 -4.46 7.94 -10.32
C LYS B 214 -3.86 8.04 -8.92
N LEU B 215 -2.73 7.35 -8.75
CA LEU B 215 -1.96 7.40 -7.50
C LEU B 215 -0.48 7.64 -7.78
N GLY B 216 0.02 8.77 -7.31
CA GLY B 216 1.46 9.08 -7.30
C GLY B 216 1.90 9.45 -5.89
N SER B 217 1.93 8.45 -5.01
CA SER B 217 1.79 8.70 -3.56
C SER B 217 2.65 7.84 -2.67
N CYS B 218 2.64 8.18 -1.39
CA CYS B 218 3.48 7.51 -0.40
C CYS B 218 2.64 6.97 0.75
N THR B 219 2.55 5.66 0.85
CA THR B 219 1.99 5.02 1.99
C THR B 219 2.75 5.44 3.24
N VAL B 220 2.10 5.28 4.38
CA VAL B 220 2.72 5.56 5.66
C VAL B 220 4.03 4.77 5.76
N GLU B 221 4.02 3.49 5.40
CA GLU B 221 5.17 2.62 5.49
C GLU B 221 6.09 2.52 4.30
N ALA B 222 5.81 3.24 3.23
CA ALA B 222 6.76 3.28 2.08
C ALA B 222 8.13 3.54 2.50
N ALA B 223 9.06 2.94 1.81
CA ALA B 223 10.45 3.38 1.85
C ALA B 223 10.58 4.90 1.91
N SER B 224 11.54 5.38 2.72
CA SER B 224 11.66 6.87 2.93
C SER B 224 12.10 7.73 1.72
N SER B 225 12.71 7.07 0.74
CA SER B 225 12.99 7.64 -0.58
C SER B 225 11.75 8.09 -1.32
N CYS B 226 10.61 7.59 -0.96
CA CYS B 226 9.42 7.92 -1.68
C CYS B 226 8.99 9.39 -1.40
N ASN B 227 8.70 10.13 -2.47
CA ASN B 227 8.09 11.44 -2.42
C ASN B 227 6.93 11.40 -3.37
N PRO B 228 5.96 12.28 -3.17
CA PRO B 228 4.78 12.41 -4.05
C PRO B 228 5.12 12.63 -5.51
N ALA B 229 4.27 12.19 -6.42
CA ALA B 229 4.52 12.51 -7.79
C ALA B 229 4.66 14.05 -7.95
N SER B 230 5.44 14.41 -8.94
CA SER B 230 5.54 15.78 -9.36
C SER B 230 4.29 16.32 -10.06
N VAL B 231 4.04 17.61 -9.76
CA VAL B 231 2.80 18.29 -10.08
C VAL B 231 3.14 19.62 -10.80
N SER B 232 4.41 19.81 -11.08
CA SER B 232 4.88 21.00 -11.71
C SER B 232 6.24 20.68 -12.28
N PRO B 233 6.75 21.56 -13.19
CA PRO B 233 8.16 21.51 -13.55
C PRO B 233 8.95 22.08 -12.37
N TYR B 234 9.94 21.36 -11.92
CA TYR B 234 10.69 21.90 -10.74
C TYR B 234 9.99 22.09 -9.36
N GLY B 235 8.93 21.44 -8.99
CA GLY B 235 8.76 21.42 -7.51
C GLY B 235 8.31 22.68 -6.75
N GLN B 236 7.88 23.68 -7.50
CA GLN B 236 6.80 24.49 -7.03
C GLN B 236 5.90 24.85 -8.22
N LEU B 237 4.67 25.32 -7.98
CA LEU B 237 3.80 25.67 -9.11
C LEU B 237 4.48 26.66 -10.01
N SER B 238 4.43 26.39 -11.30
CA SER B 238 5.07 27.26 -12.28
C SER B 238 4.21 28.53 -12.33
N GLN B 239 4.77 29.59 -12.88
CA GLN B 239 4.01 30.80 -13.03
C GLN B 239 2.84 30.68 -14.02
N GLN B 240 2.97 29.77 -14.96
CA GLN B 240 1.92 29.56 -15.89
C GLN B 240 0.76 28.79 -15.17
N GLN B 241 1.12 27.87 -14.31
CA GLN B 241 0.15 27.19 -13.47
C GLN B 241 -0.60 28.15 -12.53
N VAL B 242 0.17 29.00 -11.86
CA VAL B 242 -0.32 30.09 -11.02
C VAL B 242 -1.25 31.03 -11.77
N ALA B 243 -0.88 31.42 -12.98
CA ALA B 243 -1.73 32.24 -13.76
C ALA B 243 -3.03 31.55 -14.10
N ALA B 244 -3.03 30.25 -14.32
CA ALA B 244 -4.28 29.55 -14.61
C ALA B 244 -5.21 29.46 -13.38
N MET B 245 -4.61 29.22 -12.22
CA MET B 245 -5.32 29.29 -10.94
C MET B 245 -5.95 30.67 -10.68
N GLU B 246 -5.17 31.73 -10.88
CA GLU B 246 -5.69 33.08 -10.71
C GLU B 246 -6.85 33.38 -11.63
N TRP B 247 -6.77 32.92 -12.88
CA TRP B 247 -7.84 33.11 -13.82
C TRP B 247 -9.11 32.35 -13.34
N VAL B 248 -8.94 31.16 -12.77
CA VAL B 248 -10.08 30.38 -12.27
C VAL B 248 -10.76 31.12 -11.12
N GLN B 249 -9.97 31.61 -10.19
CA GLN B 249 -10.51 32.27 -9.01
C GLN B 249 -11.12 33.59 -9.35
N LYS B 250 -10.52 34.32 -10.28
CA LYS B 250 -11.05 35.57 -10.68
C LYS B 250 -12.40 35.41 -11.40
N ASN B 251 -12.52 34.37 -12.21
CA ASN B 251 -13.68 34.14 -13.06
C ASN B 251 -14.77 33.15 -12.55
N TYR B 252 -14.44 32.24 -11.66
CA TYR B 252 -15.36 31.17 -11.28
C TYR B 252 -15.58 30.97 -9.79
N MET B 253 -14.84 31.71 -8.96
CA MET B 253 -14.93 31.49 -7.51
C MET B 253 -16.16 32.18 -6.97
N VAL B 254 -16.94 31.44 -6.19
CA VAL B 254 -18.23 31.93 -5.68
C VAL B 254 -18.31 32.07 -4.14
N TYR B 255 -17.37 31.42 -3.47
CA TYR B 255 -17.17 31.60 -2.07
C TYR B 255 -15.72 31.36 -1.70
N ASN B 256 -15.17 32.26 -0.89
CA ASN B 256 -13.92 32.07 -0.22
C ASN B 256 -14.04 32.45 1.27
N TYR B 257 -13.90 31.46 2.15
CA TYR B 257 -14.08 31.68 3.59
C TYR B 257 -13.25 32.86 4.14
N CYS B 258 -12.03 33.04 3.66
CA CYS B 258 -11.20 34.19 4.03
C CYS B 258 -11.85 35.51 3.70
N ASP B 259 -12.59 35.59 2.58
CA ASP B 259 -13.30 36.84 2.17
C ASP B 259 -14.65 37.06 2.85
N ASP B 260 -15.14 36.08 3.60
CA ASP B 260 -16.43 36.15 4.24
C ASP B 260 -16.28 37.06 5.44
N PRO B 261 -16.98 38.23 5.46
CA PRO B 261 -16.78 39.14 6.59
C PRO B 261 -17.35 38.62 7.92
N THR B 262 -18.30 37.71 7.85
CA THR B 262 -18.61 36.90 9.00
C THR B 262 -17.59 35.74 9.03
N ARG B 263 -17.79 34.78 9.92
CA ARG B 263 -16.73 33.77 10.20
C ARG B 263 -15.67 34.42 11.12
N ASP B 264 -15.40 33.69 12.19
CA ASP B 264 -14.44 34.09 13.20
C ASP B 264 -13.08 33.68 12.71
N HIS B 265 -12.38 34.63 12.11
CA HIS B 265 -11.08 34.30 11.55
C HIS B 265 -10.02 34.12 12.65
N THR B 266 -10.44 34.08 13.92
CA THR B 266 -9.54 33.72 15.00
C THR B 266 -9.53 32.19 15.11
N LEU B 267 -10.48 31.54 14.48
CA LEU B 267 -10.48 30.05 14.48
C LEU B 267 -9.85 29.49 13.21
N THR B 268 -9.45 30.39 12.33
CA THR B 268 -8.75 30.08 11.08
C THR B 268 -7.71 31.21 10.84
N PRO B 269 -6.62 31.22 11.63
CA PRO B 269 -5.63 32.30 11.56
C PRO B 269 -4.71 32.31 10.33
N GLU B 270 -4.76 31.26 9.51
CA GLU B 270 -4.02 31.23 8.26
C GLU B 270 -4.51 32.28 7.22
N CYS B 271 -5.69 32.84 7.43
CA CYS B 271 -6.26 33.74 6.42
C CYS B 271 -5.38 34.94 6.02
#